data_2XKC
#
_entry.id   2XKC
#
_cell.length_a   100.110
_cell.length_b   56.550
_cell.length_c   73.610
_cell.angle_alpha   90.00
_cell.angle_beta   127.96
_cell.angle_gamma   90.00
#
_symmetry.space_group_name_H-M   'C 1 2 1'
#
loop_
_entity.id
_entity.type
_entity.pdbx_description
1 polymer 'SERINE/THREONINE-PROTEIN KINASE NEK2'
2 non-polymer '4-[3-amino-6-(3,4,5-trimethoxyphenyl)pyrazin-2-yl]-2-methylbenzoic acid'
3 non-polymer 'CHLORIDE ION'
4 water water
#
_entity_poly.entity_id   1
_entity_poly.type   'polypeptide(L)'
_entity_poly.pdbx_seq_one_letter_code
;MPSRAEDYEVLYTIGTGSYGRCQKIRRKSDGKILVWKELDYGSMTEAEKQMLVSEVNLLRELKHPNIVRYYDRIIDRTNT
TLYIVMEYCEGGDLASVITKGTKERQYLDEEFVLRVMTQLTLALKECHRRSDGGHTVLHRDLKPANVFLDGKQNVKLGDF
GLARILNHDTSFAKTFVGTPYYMSPEQMNRMSYNEKSDIWSLGCLLYELCALMPPFTAFSQKELAGKIREGKFRRIPYRY
SDELNEIITRMLNLKDYHRPSVEEILENPLILEHHHHHH
;
_entity_poly.pdbx_strand_id   A
#
# COMPACT_ATOMS: atom_id res chain seq x y z
N SER A 3 11.54 -15.08 -20.87
CA SER A 3 11.97 -14.23 -19.76
C SER A 3 12.99 -13.20 -20.23
N ARG A 4 12.82 -12.72 -21.45
CA ARG A 4 13.69 -11.67 -22.00
C ARG A 4 12.90 -10.39 -22.27
N ALA A 5 13.54 -9.25 -22.08
CA ALA A 5 12.88 -7.95 -22.26
C ALA A 5 12.21 -7.82 -23.63
N GLU A 6 12.72 -8.56 -24.62
CA GLU A 6 12.20 -8.46 -25.97
C GLU A 6 10.86 -9.16 -26.12
N ASP A 7 10.48 -9.92 -25.09
CA ASP A 7 9.20 -10.61 -25.08
C ASP A 7 8.06 -9.64 -24.80
N TYR A 8 8.41 -8.46 -24.28
CA TYR A 8 7.42 -7.46 -23.92
C TYR A 8 7.58 -6.18 -24.73
N GLU A 9 6.45 -5.52 -24.98
CA GLU A 9 6.45 -4.24 -25.68
C GLU A 9 6.07 -3.12 -24.71
N VAL A 10 6.95 -2.14 -24.56
CA VAL A 10 6.65 -1.00 -23.71
C VAL A 10 5.61 -0.11 -24.38
N LEU A 11 4.50 0.11 -23.68
CA LEU A 11 3.45 1.00 -24.18
C LEU A 11 3.77 2.45 -23.80
N TYR A 12 3.77 2.75 -22.50
CA TYR A 12 4.16 4.07 -22.03
C TYR A 12 4.67 4.04 -20.59
N THR A 13 5.46 5.04 -20.24
CA THR A 13 6.01 5.17 -18.90
C THR A 13 4.95 5.68 -17.92
N ILE A 14 4.84 5.02 -16.76
CA ILE A 14 3.89 5.41 -15.74
C ILE A 14 4.51 6.45 -14.81
N GLY A 15 5.58 6.07 -14.12
CA GLY A 15 6.26 6.97 -13.20
C GLY A 15 7.77 6.83 -13.25
N THR A 16 8.46 7.80 -12.65
CA THR A 16 9.92 7.78 -12.62
C THR A 16 10.45 8.05 -11.21
N TYR A 19 13.11 4.30 -6.98
CA TYR A 19 13.77 3.10 -7.49
C TYR A 19 14.29 3.32 -8.91
N GLY A 20 13.40 3.72 -9.80
CA GLY A 20 13.75 3.95 -11.19
C GLY A 20 12.53 4.24 -12.03
N ARG A 21 12.56 3.80 -13.29
CA ARG A 21 11.43 4.00 -14.19
C ARG A 21 10.42 2.87 -14.06
N CYS A 22 9.14 3.22 -14.09
CA CYS A 22 8.06 2.24 -14.08
C CYS A 22 7.27 2.39 -15.38
N GLN A 23 6.99 1.28 -16.04
CA GLN A 23 6.38 1.33 -17.37
C GLN A 23 5.27 0.31 -17.56
N LYS A 24 4.25 0.69 -18.32
CA LYS A 24 3.17 -0.21 -18.68
C LYS A 24 3.58 -0.96 -19.93
N ILE A 25 3.47 -2.29 -19.89
CA ILE A 25 3.97 -3.13 -20.97
C ILE A 25 2.95 -4.19 -21.40
N ARG A 26 3.09 -4.65 -22.63
CA ARG A 26 2.26 -5.73 -23.15
C ARG A 26 3.12 -6.92 -23.55
N ARG A 27 2.80 -8.09 -23.01
CA ARG A 27 3.50 -9.32 -23.36
C ARG A 27 3.09 -9.78 -24.76
N LYS A 28 4.07 -9.95 -25.64
CA LYS A 28 3.81 -10.26 -27.04
C LYS A 28 3.06 -11.58 -27.27
N SER A 29 3.39 -12.59 -26.47
CA SER A 29 2.80 -13.91 -26.63
C SER A 29 1.27 -13.90 -26.62
N ASP A 30 0.69 -13.29 -25.60
CA ASP A 30 -0.75 -13.31 -25.42
C ASP A 30 -1.39 -11.92 -25.35
N GLY A 31 -0.55 -10.89 -25.32
CA GLY A 31 -1.02 -9.52 -25.26
C GLY A 31 -1.42 -9.07 -23.87
N LYS A 32 -0.99 -9.80 -22.84
CA LYS A 32 -1.33 -9.46 -21.47
C LYS A 32 -0.70 -8.15 -21.05
N ILE A 33 -1.53 -7.28 -20.45
CA ILE A 33 -1.07 -5.99 -19.97
C ILE A 33 -0.45 -6.14 -18.58
N LEU A 34 0.78 -5.65 -18.45
CA LEU A 34 1.50 -5.73 -17.19
C LEU A 34 2.27 -4.44 -17.01
N VAL A 35 3.04 -4.36 -15.94
CA VAL A 35 4.00 -3.28 -15.80
C VAL A 35 5.32 -3.88 -15.32
N TRP A 36 6.42 -3.18 -15.56
CA TRP A 36 7.69 -3.57 -14.98
C TRP A 36 8.39 -2.39 -14.35
N LYS A 37 9.35 -2.68 -13.47
CA LYS A 37 10.09 -1.65 -12.77
C LYS A 37 11.56 -1.81 -13.08
N GLU A 38 12.19 -0.74 -13.57
CA GLU A 38 13.60 -0.78 -13.94
C GLU A 38 14.50 -0.46 -12.75
N LEU A 39 15.42 -1.37 -12.46
CA LEU A 39 16.45 -1.13 -11.46
C LEU A 39 17.82 -1.21 -12.11
N ASP A 40 18.52 -0.09 -12.15
CA ASP A 40 19.86 -0.05 -12.72
C ASP A 40 20.90 -0.45 -11.67
N TYR A 41 21.24 -1.74 -11.65
CA TYR A 41 22.23 -2.25 -10.71
C TYR A 41 23.64 -1.98 -11.21
N GLY A 42 23.75 -1.30 -12.34
CA GLY A 42 25.04 -1.02 -12.95
C GLY A 42 26.04 -0.37 -12.00
N SER A 43 25.52 0.38 -11.03
CA SER A 43 26.38 1.08 -10.09
C SER A 43 26.41 0.39 -8.73
N MET A 44 25.99 -0.87 -8.70
CA MET A 44 25.96 -1.64 -7.45
C MET A 44 27.17 -2.54 -7.31
N THR A 45 27.50 -2.88 -6.07
CA THR A 45 28.57 -3.81 -5.78
C THR A 45 28.03 -5.23 -5.81
N GLU A 46 28.92 -6.21 -5.71
CA GLU A 46 28.51 -7.61 -5.69
C GLU A 46 27.74 -7.91 -4.41
N ALA A 47 27.96 -7.08 -3.39
CA ALA A 47 27.27 -7.22 -2.11
C ALA A 47 25.83 -6.73 -2.21
N GLU A 48 25.66 -5.54 -2.79
CA GLU A 48 24.34 -4.96 -2.95
C GLU A 48 23.46 -5.80 -3.89
N LYS A 49 24.08 -6.37 -4.92
CA LYS A 49 23.35 -7.21 -5.86
C LYS A 49 22.97 -8.55 -5.24
N GLN A 50 23.82 -9.03 -4.33
CA GLN A 50 23.54 -10.29 -3.64
C GLN A 50 22.26 -10.17 -2.82
N MET A 51 22.08 -9.02 -2.18
CA MET A 51 20.88 -8.75 -1.40
C MET A 51 19.71 -8.46 -2.35
N LEU A 52 20.02 -7.90 -3.51
CA LEU A 52 19.00 -7.56 -4.49
C LEU A 52 18.32 -8.80 -5.05
N VAL A 53 19.09 -9.86 -5.25
CA VAL A 53 18.57 -11.09 -5.82
C VAL A 53 17.74 -11.87 -4.79
N SER A 54 18.31 -12.09 -3.61
CA SER A 54 17.64 -12.83 -2.56
C SER A 54 16.37 -12.12 -2.09
N GLU A 55 16.34 -10.80 -2.21
CA GLU A 55 15.19 -10.01 -1.82
C GLU A 55 14.05 -10.15 -2.82
N VAL A 56 14.40 -10.26 -4.09
CA VAL A 56 13.41 -10.41 -5.16
C VAL A 56 12.89 -11.84 -5.25
N ASN A 57 13.69 -12.79 -4.77
CA ASN A 57 13.25 -14.18 -4.70
C ASN A 57 12.16 -14.36 -3.65
N LEU A 58 12.21 -13.53 -2.61
CA LEU A 58 11.21 -13.57 -1.56
C LEU A 58 9.97 -12.77 -1.98
N LEU A 59 10.15 -11.91 -2.98
CA LEU A 59 9.03 -11.19 -3.60
C LEU A 59 8.27 -12.15 -4.51
N ARG A 60 9.00 -13.11 -5.08
CA ARG A 60 8.42 -14.09 -6.00
C ARG A 60 7.45 -15.02 -5.26
N GLU A 61 7.63 -15.11 -3.95
CA GLU A 61 6.85 -16.04 -3.13
C GLU A 61 5.41 -15.60 -2.92
N LEU A 62 5.22 -14.37 -2.43
CA LEU A 62 3.91 -13.85 -2.09
C LEU A 62 2.87 -13.97 -3.22
N LYS A 63 1.95 -14.91 -3.07
CA LYS A 63 0.81 -15.02 -3.97
C LYS A 63 -0.46 -14.78 -3.17
N HIS A 64 -1.01 -13.59 -3.30
CA HIS A 64 -2.18 -13.20 -2.53
C HIS A 64 -2.98 -12.17 -3.32
N PRO A 65 -4.32 -12.30 -3.33
CA PRO A 65 -5.18 -11.43 -4.13
C PRO A 65 -5.00 -9.96 -3.80
N ASN A 66 -4.62 -9.65 -2.56
CA ASN A 66 -4.52 -8.27 -2.12
C ASN A 66 -3.09 -7.77 -2.00
N ILE A 67 -2.16 -8.54 -2.56
CA ILE A 67 -0.79 -8.09 -2.70
C ILE A 67 -0.42 -8.07 -4.18
N VAL A 68 0.13 -6.96 -4.65
CA VAL A 68 0.51 -6.84 -6.05
C VAL A 68 1.33 -8.06 -6.46
N ARG A 69 0.88 -8.75 -7.50
CA ARG A 69 1.49 -9.99 -7.93
C ARG A 69 2.73 -9.77 -8.79
N TYR A 70 3.84 -10.38 -8.39
CA TYR A 70 5.09 -10.36 -9.15
CA TYR A 70 5.03 -10.32 -9.20
C TYR A 70 5.14 -11.55 -10.10
N TYR A 71 5.37 -11.30 -11.38
CA TYR A 71 5.38 -12.36 -12.37
C TYR A 71 6.78 -12.85 -12.72
N ASP A 72 7.63 -11.92 -13.12
CA ASP A 72 8.90 -12.28 -13.75
C ASP A 72 10.00 -11.31 -13.33
N ARG A 73 11.25 -11.71 -13.56
CA ARG A 73 12.38 -10.81 -13.38
C ARG A 73 13.35 -10.97 -14.55
N ILE A 74 13.54 -9.89 -15.30
CA ILE A 74 14.37 -9.94 -16.51
C ILE A 74 15.64 -9.14 -16.34
N ILE A 75 16.78 -9.80 -16.55
CA ILE A 75 18.07 -9.13 -16.47
C ILE A 75 18.55 -8.75 -17.86
N ASP A 76 19.22 -7.61 -17.96
CA ASP A 76 19.76 -7.14 -19.23
C ASP A 76 21.16 -6.56 -19.02
N ARG A 77 22.17 -7.42 -19.04
CA ARG A 77 23.54 -7.01 -18.76
C ARG A 77 24.01 -5.91 -19.71
N THR A 78 23.37 -5.79 -20.86
CA THR A 78 23.68 -4.73 -21.82
C THR A 78 23.65 -3.36 -21.15
N ASN A 79 22.46 -2.93 -20.75
CA ASN A 79 22.30 -1.68 -20.03
C ASN A 79 22.36 -1.93 -18.53
N THR A 80 22.78 -3.13 -18.15
CA THR A 80 22.83 -3.53 -16.74
C THR A 80 21.57 -3.14 -16.00
N THR A 81 20.43 -3.51 -16.56
CA THR A 81 19.13 -3.13 -16.01
C THR A 81 18.30 -4.35 -15.60
N LEU A 82 17.70 -4.27 -14.42
CA LEU A 82 16.84 -5.32 -13.91
C LEU A 82 15.38 -4.90 -14.00
N TYR A 83 14.54 -5.79 -14.54
CA TYR A 83 13.12 -5.51 -14.72
C TYR A 83 12.27 -6.43 -13.86
N ILE A 84 11.55 -5.86 -12.90
CA ILE A 84 10.60 -6.64 -12.14
C ILE A 84 9.21 -6.51 -12.76
N VAL A 85 8.70 -7.61 -13.30
CA VAL A 85 7.42 -7.60 -13.97
C VAL A 85 6.29 -7.96 -13.01
N MET A 86 5.29 -7.09 -12.92
CA MET A 86 4.20 -7.29 -11.97
C MET A 86 2.87 -6.99 -12.64
N GLU A 87 1.78 -7.35 -11.97
CA GLU A 87 0.45 -7.11 -12.51
C GLU A 87 0.20 -5.62 -12.68
N TYR A 88 -0.62 -5.28 -13.66
CA TYR A 88 -1.02 -3.89 -13.88
C TYR A 88 -2.30 -3.58 -13.11
N CYS A 89 -2.24 -2.55 -12.27
CA CYS A 89 -3.38 -2.10 -11.50
C CYS A 89 -3.96 -0.83 -12.11
N GLU A 90 -4.91 -1.01 -13.03
CA GLU A 90 -5.39 0.10 -13.85
C GLU A 90 -5.89 1.29 -13.04
N GLY A 91 -6.33 1.06 -11.81
CA GLY A 91 -6.93 2.09 -10.99
C GLY A 91 -5.93 3.04 -10.33
N GLY A 92 -4.64 2.78 -10.52
CA GLY A 92 -3.60 3.60 -9.93
C GLY A 92 -3.44 3.36 -8.44
N ASP A 93 -2.80 4.31 -7.75
CA ASP A 93 -2.61 4.20 -6.30
C ASP A 93 -3.60 5.05 -5.51
N LEU A 94 -3.67 4.82 -4.21
CA LEU A 94 -4.62 5.54 -3.35
C LEU A 94 -4.26 7.01 -3.21
N ALA A 95 -2.97 7.32 -3.27
CA ALA A 95 -2.52 8.71 -3.20
C ALA A 95 -3.28 9.56 -4.20
N SER A 96 -3.36 9.10 -5.44
CA SER A 96 -4.07 9.83 -6.49
C SER A 96 -5.55 9.98 -6.17
N VAL A 97 -6.16 8.90 -5.68
CA VAL A 97 -7.55 8.92 -5.28
C VAL A 97 -7.79 9.99 -4.23
N ILE A 98 -6.93 10.00 -3.20
CA ILE A 98 -7.00 10.99 -2.14
C ILE A 98 -6.81 12.39 -2.71
N THR A 99 -5.84 12.54 -3.61
CA THR A 99 -5.59 13.80 -4.29
C THR A 99 -6.80 14.22 -5.12
N LYS A 100 -7.40 13.27 -5.82
CA LYS A 100 -8.57 13.53 -6.64
C LYS A 100 -9.76 13.97 -5.79
N GLY A 101 -9.84 13.45 -4.56
CA GLY A 101 -10.90 13.80 -3.66
C GLY A 101 -10.77 15.20 -3.09
N THR A 102 -9.54 15.57 -2.76
CA THR A 102 -9.25 16.92 -2.26
C THR A 102 -9.65 17.98 -3.27
N LYS A 103 -9.18 17.83 -4.51
CA LYS A 103 -9.42 18.81 -5.56
C LYS A 103 -10.90 18.99 -5.84
N GLU A 104 -11.59 17.89 -6.10
CA GLU A 104 -13.00 17.94 -6.51
C GLU A 104 -13.94 18.09 -5.31
N ARG A 105 -13.36 18.28 -4.13
CA ARG A 105 -14.12 18.51 -2.90
C ARG A 105 -15.13 17.41 -2.58
N GLN A 106 -14.86 16.20 -3.07
CA GLN A 106 -15.74 15.07 -2.84
C GLN A 106 -15.11 14.06 -1.89
N TYR A 107 -15.86 13.66 -0.86
CA TYR A 107 -15.40 12.61 0.03
C TYR A 107 -15.65 11.25 -0.60
N LEU A 108 -14.76 10.30 -0.32
CA LEU A 108 -14.88 8.94 -0.85
C LEU A 108 -16.02 8.19 -0.17
N ASP A 109 -16.67 7.29 -0.90
CA ASP A 109 -17.76 6.49 -0.35
C ASP A 109 -17.30 5.62 0.81
N GLU A 110 -18.15 5.53 1.83
CA GLU A 110 -17.87 4.66 2.97
C GLU A 110 -17.67 3.21 2.51
N GLU A 111 -18.36 2.83 1.44
CA GLU A 111 -18.23 1.50 0.86
C GLU A 111 -16.81 1.26 0.36
N PHE A 112 -16.22 2.30 -0.21
CA PHE A 112 -14.85 2.21 -0.70
C PHE A 112 -13.89 2.07 0.47
N VAL A 113 -14.10 2.87 1.50
CA VAL A 113 -13.26 2.84 2.69
C VAL A 113 -13.29 1.45 3.35
N LEU A 114 -14.47 0.85 3.43
CA LEU A 114 -14.59 -0.51 3.97
C LEU A 114 -13.85 -1.52 3.12
N ARG A 115 -13.87 -1.31 1.80
CA ARG A 115 -13.14 -2.18 0.89
C ARG A 115 -11.64 -2.15 1.17
N VAL A 116 -11.08 -0.95 1.23
CA VAL A 116 -9.66 -0.79 1.53
C VAL A 116 -9.31 -1.39 2.89
N MET A 117 -10.12 -1.08 3.90
CA MET A 117 -9.89 -1.61 5.23
C MET A 117 -9.83 -3.14 5.19
N THR A 118 -10.88 -3.76 4.67
CA THR A 118 -10.96 -5.21 4.61
C THR A 118 -9.80 -5.85 3.85
N GLN A 119 -9.51 -5.32 2.66
CA GLN A 119 -8.52 -5.93 1.80
C GLN A 119 -7.07 -5.62 2.22
N LEU A 120 -6.86 -4.48 2.85
CA LEU A 120 -5.52 -4.16 3.38
C LEU A 120 -5.23 -4.94 4.66
N THR A 121 -6.29 -5.23 5.41
CA THR A 121 -6.15 -6.02 6.63
C THR A 121 -5.81 -7.47 6.28
N LEU A 122 -6.40 -7.96 5.19
CA LEU A 122 -6.08 -9.28 4.69
C LEU A 122 -4.67 -9.30 4.12
N ALA A 123 -4.23 -8.17 3.58
CA ALA A 123 -2.86 -8.05 3.08
C ALA A 123 -1.89 -8.18 4.24
N LEU A 124 -2.14 -7.43 5.32
CA LEU A 124 -1.29 -7.49 6.51
C LEU A 124 -1.29 -8.87 7.12
N LYS A 125 -2.50 -9.41 7.33
CA LYS A 125 -2.64 -10.75 7.87
C LYS A 125 -1.73 -11.72 7.14
N GLU A 126 -1.61 -11.55 5.82
CA GLU A 126 -0.76 -12.40 5.00
C GLU A 126 0.72 -12.12 5.24
N CYS A 127 1.08 -10.84 5.33
CA CYS A 127 2.45 -10.43 5.59
C CYS A 127 2.94 -10.91 6.97
N HIS A 128 2.05 -10.84 7.96
CA HIS A 128 2.40 -11.26 9.31
C HIS A 128 2.62 -12.77 9.37
N ARG A 129 1.83 -13.51 8.60
CA ARG A 129 1.94 -14.97 8.57
C ARG A 129 3.29 -15.40 8.00
N ARG A 130 3.86 -14.56 7.14
CA ARG A 130 5.17 -14.82 6.56
C ARG A 130 6.29 -14.37 7.50
N SER A 131 6.22 -14.82 8.74
CA SER A 131 7.21 -14.45 9.75
C SER A 131 7.41 -15.56 10.78
N LEU A 142 3.51 1.20 4.51
CA LEU A 142 2.06 1.33 4.34
C LEU A 142 1.66 2.79 4.19
N LYS A 143 1.37 3.18 2.96
CA LYS A 143 0.98 4.55 2.64
C LYS A 143 0.19 4.55 1.34
N PRO A 144 -0.60 5.60 1.10
CA PRO A 144 -1.46 5.65 -0.08
C PRO A 144 -0.71 5.35 -1.39
N ALA A 145 0.55 5.77 -1.48
CA ALA A 145 1.32 5.60 -2.70
C ALA A 145 1.74 4.14 -2.93
N ASN A 146 1.54 3.30 -1.91
CA ASN A 146 1.90 1.89 -1.99
C ASN A 146 0.67 1.00 -1.90
N VAL A 147 -0.49 1.58 -2.17
CA VAL A 147 -1.72 0.81 -2.19
C VAL A 147 -2.40 1.05 -3.53
N PHE A 148 -2.69 -0.04 -4.24
CA PHE A 148 -3.16 0.07 -5.63
C PHE A 148 -4.55 -0.49 -5.84
N LEU A 149 -5.18 -0.07 -6.93
CA LEU A 149 -6.52 -0.49 -7.28
C LEU A 149 -6.50 -1.08 -8.67
N ASP A 150 -7.11 -2.26 -8.83
CA ASP A 150 -7.21 -2.86 -10.14
C ASP A 150 -8.53 -2.48 -10.80
N GLY A 151 -8.92 -3.23 -11.83
CA GLY A 151 -10.09 -2.88 -12.61
C GLY A 151 -11.41 -3.26 -11.98
N LYS A 152 -11.36 -4.09 -10.94
CA LYS A 152 -12.56 -4.70 -10.38
C LYS A 152 -12.80 -4.32 -8.93
N GLN A 153 -12.40 -3.11 -8.55
CA GLN A 153 -12.58 -2.61 -7.19
C GLN A 153 -11.70 -3.35 -6.17
N ASN A 154 -10.64 -4.00 -6.65
CA ASN A 154 -9.75 -4.71 -5.74
C ASN A 154 -8.62 -3.83 -5.24
N VAL A 155 -8.24 -4.03 -3.98
CA VAL A 155 -7.20 -3.25 -3.37
C VAL A 155 -5.97 -4.13 -3.18
N LYS A 156 -4.81 -3.63 -3.60
CA LYS A 156 -3.59 -4.41 -3.55
C LYS A 156 -2.44 -3.63 -2.94
N LEU A 157 -1.69 -4.29 -2.06
CA LEU A 157 -0.54 -3.68 -1.41
C LEU A 157 0.73 -3.92 -2.23
N GLY A 158 1.62 -2.93 -2.25
CA GLY A 158 2.87 -3.05 -3.01
C GLY A 158 4.05 -2.35 -2.37
N ASP A 159 5.22 -2.98 -2.47
CA ASP A 159 6.44 -2.44 -1.89
C ASP A 159 7.08 -1.38 -2.78
N GLY A 178 10.66 14.65 4.05
CA GLY A 178 9.66 13.60 4.08
C GLY A 178 9.06 13.38 5.46
N THR A 179 7.87 13.92 5.67
CA THR A 179 7.20 13.82 6.98
C THR A 179 6.55 12.44 7.15
N PRO A 180 6.92 11.73 8.22
CA PRO A 180 6.41 10.39 8.54
C PRO A 180 5.06 10.43 9.26
N TYR A 181 4.02 10.86 8.56
CA TYR A 181 2.68 11.00 9.14
C TYR A 181 2.18 9.71 9.79
N TYR A 182 2.56 8.57 9.23
CA TYR A 182 2.00 7.29 9.63
C TYR A 182 2.83 6.56 10.68
N MET A 183 3.82 7.25 11.26
CA MET A 183 4.69 6.62 12.25
C MET A 183 3.99 6.44 13.59
N SER A 184 3.99 5.22 14.10
CA SER A 184 3.29 4.92 15.35
C SER A 184 4.05 5.45 16.56
N PRO A 185 3.34 5.67 17.67
CA PRO A 185 3.93 6.20 18.90
C PRO A 185 5.13 5.38 19.38
N GLU A 186 5.02 4.05 19.26
CA GLU A 186 6.11 3.18 19.68
C GLU A 186 7.24 3.14 18.65
N GLN A 187 6.92 3.49 17.41
CA GLN A 187 7.90 3.44 16.33
C GLN A 187 8.84 4.64 16.36
N MET A 188 8.62 5.54 17.31
CA MET A 188 9.54 6.64 17.52
C MET A 188 10.37 6.43 18.79
N ASN A 189 10.09 5.32 19.49
CA ASN A 189 10.87 4.92 20.65
C ASN A 189 11.34 3.48 20.49
N ARG A 190 10.46 2.55 20.81
CA ARG A 190 10.76 1.12 20.77
C ARG A 190 10.88 0.61 19.33
N ASN A 194 6.76 -4.78 16.04
CA ASN A 194 5.41 -4.92 16.57
C ASN A 194 4.35 -4.91 15.48
N GLU A 195 3.53 -5.95 15.45
CA GLU A 195 2.48 -6.07 14.44
C GLU A 195 1.38 -5.02 14.64
N LYS A 196 1.13 -4.64 15.88
CA LYS A 196 0.15 -3.60 16.17
C LYS A 196 0.58 -2.25 15.61
N SER A 197 1.86 -2.11 15.29
CA SER A 197 2.36 -0.90 14.65
C SER A 197 1.80 -0.77 13.24
N ASP A 198 1.60 -1.90 12.58
CA ASP A 198 1.00 -1.90 11.25
C ASP A 198 -0.46 -1.47 11.34
N ILE A 199 -1.14 -1.87 12.40
CA ILE A 199 -2.52 -1.49 12.62
C ILE A 199 -2.65 0.03 12.76
N TRP A 200 -1.69 0.64 13.45
CA TRP A 200 -1.64 2.10 13.55
C TRP A 200 -1.51 2.73 12.17
N SER A 201 -0.55 2.23 11.39
CA SER A 201 -0.33 2.74 10.04
C SER A 201 -1.58 2.61 9.17
N LEU A 202 -2.23 1.46 9.27
CA LEU A 202 -3.49 1.26 8.56
C LEU A 202 -4.52 2.26 9.08
N GLY A 203 -4.58 2.39 10.40
CA GLY A 203 -5.43 3.38 11.03
C GLY A 203 -5.26 4.75 10.43
N CYS A 204 -4.01 5.16 10.19
CA CYS A 204 -3.72 6.47 9.63
C CYS A 204 -4.13 6.57 8.17
N LEU A 205 -3.94 5.48 7.43
CA LEU A 205 -4.29 5.46 6.01
C LEU A 205 -5.79 5.57 5.82
N LEU A 206 -6.54 4.76 6.56
CA LEU A 206 -8.00 4.82 6.50
C LEU A 206 -8.51 6.21 6.90
N TYR A 207 -7.88 6.79 7.91
CA TYR A 207 -8.29 8.12 8.36
C TYR A 207 -8.11 9.12 7.22
N GLU A 208 -6.98 9.05 6.54
CA GLU A 208 -6.71 9.98 5.45
C GLU A 208 -7.65 9.75 4.27
N LEU A 209 -8.17 8.53 4.14
CA LEU A 209 -9.15 8.23 3.11
C LEU A 209 -10.46 8.94 3.40
N CYS A 210 -10.81 8.99 4.67
CA CYS A 210 -12.05 9.60 5.10
C CYS A 210 -11.94 11.12 5.14
N ALA A 211 -10.96 11.63 5.88
CA ALA A 211 -10.84 13.07 6.10
C ALA A 211 -10.05 13.77 5.00
N LEU A 212 -9.46 12.99 4.10
CA LEU A 212 -8.62 13.53 3.02
C LEU A 212 -7.40 14.26 3.57
N MET A 213 -7.08 13.99 4.82
CA MET A 213 -5.85 14.49 5.44
C MET A 213 -5.42 13.47 6.51
N PRO A 214 -4.12 13.45 6.84
CA PRO A 214 -3.64 12.55 7.88
C PRO A 214 -4.19 12.96 9.23
N PRO A 215 -4.31 12.00 10.17
CA PRO A 215 -4.80 12.31 11.52
C PRO A 215 -3.94 13.38 12.22
N PHE A 216 -2.62 13.29 12.05
CA PHE A 216 -1.71 14.25 12.65
C PHE A 216 -0.91 14.98 11.58
N THR A 217 -1.03 16.31 11.55
CA THR A 217 -0.26 17.12 10.61
C THR A 217 0.69 18.05 11.35
N ALA A 218 1.78 18.44 10.68
CA ALA A 218 2.77 19.31 11.29
C ALA A 218 3.78 19.72 10.23
N PHE A 219 4.47 20.83 10.47
CA PHE A 219 5.48 21.30 9.52
C PHE A 219 6.86 20.73 9.85
N SER A 220 7.04 20.33 11.10
CA SER A 220 8.30 19.72 11.52
C SER A 220 8.06 18.36 12.16
N GLN A 221 9.07 17.50 12.09
CA GLN A 221 8.99 16.14 12.61
C GLN A 221 8.89 16.14 14.13
N LYS A 222 9.38 17.20 14.76
CA LYS A 222 9.32 17.34 16.21
C LYS A 222 7.91 17.76 16.63
N GLU A 223 7.28 18.60 15.81
CA GLU A 223 5.91 18.99 16.02
C GLU A 223 5.00 17.79 15.85
N LEU A 224 5.20 17.07 14.73
CA LEU A 224 4.46 15.85 14.46
C LEU A 224 4.59 14.86 15.61
N ALA A 225 5.81 14.64 16.06
CA ALA A 225 6.06 13.75 17.18
C ALA A 225 5.23 14.17 18.39
N GLY A 226 5.20 15.47 18.64
CA GLY A 226 4.41 16.02 19.73
C GLY A 226 2.96 15.60 19.65
N LYS A 227 2.34 15.86 18.50
CA LYS A 227 0.93 15.54 18.30
C LYS A 227 0.64 14.04 18.39
N ILE A 228 1.53 13.23 17.83
CA ILE A 228 1.35 11.77 17.82
C ILE A 228 1.27 11.19 19.24
N ARG A 229 2.12 11.68 20.14
CA ARG A 229 2.14 11.19 21.51
C ARG A 229 0.93 11.67 22.31
N GLU A 230 0.31 12.75 21.86
CA GLU A 230 -0.88 13.26 22.50
C GLU A 230 -2.09 12.41 22.09
N GLY A 231 -2.00 11.83 20.89
CA GLY A 231 -2.99 10.88 20.42
C GLY A 231 -4.33 11.50 20.09
N LYS A 232 -4.35 12.80 19.88
CA LYS A 232 -5.60 13.50 19.58
C LYS A 232 -5.73 13.82 18.10
N PHE A 233 -6.96 13.72 17.60
CA PHE A 233 -7.26 14.02 16.20
C PHE A 233 -8.75 14.28 16.08
N ARG A 234 -9.14 14.89 14.97
CA ARG A 234 -10.54 15.18 14.71
C ARG A 234 -11.29 13.90 14.37
N ARG A 235 -12.60 13.91 14.57
CA ARG A 235 -13.43 12.83 14.07
C ARG A 235 -13.41 12.92 12.55
N ILE A 236 -13.47 11.78 11.89
CA ILE A 236 -13.61 11.76 10.44
C ILE A 236 -14.95 12.43 10.11
N PRO A 237 -15.10 12.93 8.88
CA PRO A 237 -16.35 13.62 8.51
C PRO A 237 -17.60 12.85 8.94
N TYR A 238 -18.66 13.58 9.24
CA TYR A 238 -19.89 12.99 9.81
C TYR A 238 -20.72 12.20 8.80
N ARG A 239 -20.34 12.27 7.53
CA ARG A 239 -21.00 11.47 6.50
C ARG A 239 -20.69 9.99 6.75
N TYR A 240 -19.57 9.75 7.44
CA TYR A 240 -19.18 8.39 7.81
C TYR A 240 -19.79 7.98 9.15
N SER A 241 -20.21 6.72 9.24
CA SER A 241 -20.93 6.22 10.40
C SER A 241 -20.07 6.16 11.65
N ASP A 242 -20.72 6.16 12.81
CA ASP A 242 -20.03 6.03 14.09
C ASP A 242 -19.27 4.70 14.16
N GLU A 243 -19.82 3.66 13.56
CA GLU A 243 -19.16 2.35 13.55
C GLU A 243 -17.80 2.40 12.85
N LEU A 244 -17.75 3.05 11.68
CA LEU A 244 -16.49 3.19 10.96
C LEU A 244 -15.52 4.03 11.78
N ASN A 245 -16.02 5.15 12.29
CA ASN A 245 -15.18 6.04 13.08
C ASN A 245 -14.61 5.32 14.28
N GLU A 246 -15.43 4.48 14.90
CA GLU A 246 -14.99 3.74 16.07
C GLU A 246 -13.77 2.88 15.77
N ILE A 247 -13.85 2.08 14.71
CA ILE A 247 -12.76 1.15 14.41
C ILE A 247 -11.47 1.88 14.01
N ILE A 248 -11.59 2.90 13.18
CA ILE A 248 -10.43 3.70 12.80
C ILE A 248 -9.78 4.32 14.04
N THR A 249 -10.62 4.81 14.95
CA THR A 249 -10.14 5.40 16.20
C THR A 249 -9.40 4.37 17.05
N ARG A 250 -9.94 3.16 17.14
CA ARG A 250 -9.28 2.09 17.88
C ARG A 250 -7.89 1.77 17.30
N MET A 251 -7.76 1.83 15.98
CA MET A 251 -6.47 1.57 15.34
C MET A 251 -5.47 2.66 15.67
N LEU A 252 -5.97 3.86 15.97
CA LEU A 252 -5.12 5.01 16.29
C LEU A 252 -4.91 5.16 17.79
N ASN A 253 -5.21 4.10 18.53
CA ASN A 253 -4.99 4.08 19.96
C ASN A 253 -3.50 4.17 20.27
N LEU A 254 -3.16 4.89 21.34
CA LEU A 254 -1.77 5.08 21.73
C LEU A 254 -1.14 3.80 22.29
N LYS A 255 -1.97 2.95 22.88
CA LYS A 255 -1.51 1.68 23.42
C LYS A 255 -1.68 0.60 22.36
N ASP A 256 -0.56 0.11 21.82
CA ASP A 256 -0.62 -0.91 20.80
C ASP A 256 -1.53 -2.06 21.19
N TYR A 257 -1.52 -2.42 22.47
CA TYR A 257 -2.33 -3.54 22.95
C TYR A 257 -3.82 -3.22 23.04
N HIS A 258 -4.18 -1.96 22.81
CA HIS A 258 -5.58 -1.57 22.75
C HIS A 258 -6.09 -1.58 21.32
N ARG A 259 -5.15 -1.59 20.37
CA ARG A 259 -5.51 -1.63 18.96
C ARG A 259 -6.06 -2.99 18.59
N PRO A 260 -7.03 -3.02 17.68
CA PRO A 260 -7.62 -4.30 17.28
C PRO A 260 -6.62 -5.09 16.43
N SER A 261 -6.59 -6.40 16.64
CA SER A 261 -5.77 -7.29 15.83
C SER A 261 -6.44 -7.46 14.47
N VAL A 262 -5.67 -7.94 13.50
CA VAL A 262 -6.21 -8.27 12.18
C VAL A 262 -7.48 -9.10 12.32
N GLU A 263 -7.48 -10.04 13.26
CA GLU A 263 -8.64 -10.89 13.52
C GLU A 263 -9.82 -10.07 14.02
N GLU A 264 -9.58 -9.20 15.00
CA GLU A 264 -10.65 -8.41 15.61
C GLU A 264 -11.25 -7.41 14.62
N ILE A 265 -10.45 -6.97 13.65
CA ILE A 265 -10.91 -6.04 12.63
C ILE A 265 -11.91 -6.72 11.70
N LEU A 266 -11.57 -7.92 11.26
CA LEU A 266 -12.40 -8.65 10.30
C LEU A 266 -13.71 -9.16 10.94
N GLU A 267 -13.69 -9.37 12.25
CA GLU A 267 -14.90 -9.77 12.99
C GLU A 267 -15.91 -8.64 13.05
N ASN A 268 -15.48 -7.43 12.70
CA ASN A 268 -16.33 -6.25 12.76
C ASN A 268 -17.54 -6.34 11.82
N PRO A 269 -18.74 -6.13 12.37
CA PRO A 269 -20.03 -6.20 11.67
C PRO A 269 -20.07 -5.32 10.42
N LEU A 270 -19.17 -4.36 10.32
CA LEU A 270 -19.10 -3.48 9.15
C LEU A 270 -18.61 -4.24 7.93
N ILE A 271 -17.70 -5.17 8.15
CA ILE A 271 -17.01 -5.86 7.07
C ILE A 271 -17.80 -7.04 6.53
N LEU A 272 -18.22 -6.93 5.27
CA LEU A 272 -19.06 -7.94 4.63
C LEU A 272 -18.34 -8.56 3.44
N GLU A 273 -18.95 -9.59 2.86
CA GLU A 273 -18.32 -10.34 1.78
C GLU A 273 -17.95 -9.46 0.59
N HIS A 274 -18.85 -8.58 0.18
CA HIS A 274 -18.64 -7.77 -1.01
C HIS A 274 -17.51 -6.75 -0.85
N HIS A 275 -17.06 -6.56 0.39
CA HIS A 275 -15.90 -5.70 0.63
C HIS A 275 -14.60 -6.42 0.30
N HIS A 276 -14.65 -7.74 0.22
CA HIS A 276 -13.48 -8.56 -0.10
C HIS A 276 -13.16 -8.53 -1.59
N HIS A 277 -12.05 -9.19 -1.96
CA HIS A 277 -11.61 -9.22 -3.36
C HIS A 277 -12.52 -10.11 -4.20
N HIS A 278 -12.64 -9.78 -5.48
CA HIS A 278 -13.39 -10.60 -6.43
C HIS A 278 -12.69 -10.60 -7.78
N HIS A 279 -12.46 -11.79 -8.31
CA HIS A 279 -11.85 -11.93 -9.64
C HIS A 279 -12.82 -11.55 -10.74
#